data_7YZG
#
_entry.id   7YZG
#
_cell.length_a   46.304
_cell.length_b   78.726
_cell.length_c   103.253
_cell.angle_alpha   90.000
_cell.angle_beta   90.000
_cell.angle_gamma   90.000
#
_symmetry.space_group_name_H-M   'P 21 21 21'
#
loop_
_entity.id
_entity.type
_entity.pdbx_description
1 polymer 'Forkhead box protein H1'
2 polymer "DNA (5'-D(*CP*AP*GP*AP*TP*TP*GP*TP*GP*GP*AP*TP*TP*GP*AP*G)-3')"
3 polymer "DNA (5'-D(*CP*TP*CP*AP*AP*TP*CP*CP*AP*CP*AP*AP*TP*CP*TP*G)-3')"
#
loop_
_entity_poly.entity_id
_entity_poly.type
_entity_poly.pdbx_seq_one_letter_code
_entity_poly.pdbx_strand_id
1 'polypeptide(L)'
;MAGDQTRSRKSKKKNYHRYNKPPYSYLAMIALVIQNSPEKRLKLSQILKEVSTLFPFFNGDYMGWKDSIRHNLSSSDCFK
KILKDPGKPQAKGNFWTVDVSRIPLDAMKLQNTALTRGGSDYFVQDLAPYILHNYKYEHN
;
A
2 'polydeoxyribonucleotide' (DC)(DA)(DG)(DA)(DT)(DT)(DG)(DT)(DG)(DG)(DA)(DT)(DT)(DG)(DA)(DG) B
3 'polydeoxyribonucleotide' (DC)(DT)(DC)(DA)(DA)(DT)(DC)(DC)(DA)(DC)(DA)(DA)(DT)(DC)(DT)(DG) C
#
loop_
_chem_comp.id
_chem_comp.type
_chem_comp.name
_chem_comp.formula
DA DNA linking 2'-DEOXYADENOSINE-5'-MONOPHOSPHATE 'C10 H14 N5 O6 P'
DC DNA linking 2'-DEOXYCYTIDINE-5'-MONOPHOSPHATE 'C9 H14 N3 O7 P'
DG DNA linking 2'-DEOXYGUANOSINE-5'-MONOPHOSPHATE 'C10 H14 N5 O7 P'
DT DNA linking THYMIDINE-5'-MONOPHOSPHATE 'C10 H15 N2 O8 P'
#
# COMPACT_ATOMS: atom_id res chain seq x y z
N ARG A 18 9.32 -1.40 -16.08
CA ARG A 18 9.93 -1.45 -14.75
C ARG A 18 10.65 -0.14 -14.47
N TYR A 19 10.17 0.59 -13.46
CA TYR A 19 10.71 1.89 -13.08
C TYR A 19 11.17 1.83 -11.62
N ASN A 20 11.92 2.84 -11.18
CA ASN A 20 12.48 2.83 -9.84
C ASN A 20 11.37 2.97 -8.82
N LYS A 21 11.01 1.86 -8.18
CA LYS A 21 10.03 1.84 -7.11
C LYS A 21 10.60 1.06 -5.94
N PRO A 22 10.18 1.37 -4.72
CA PRO A 22 10.71 0.65 -3.57
C PRO A 22 10.43 -0.83 -3.69
N PRO A 23 11.24 -1.65 -3.08
CA PRO A 23 11.19 -3.10 -3.30
C PRO A 23 10.16 -3.79 -2.41
N TYR A 24 8.93 -3.28 -2.43
CA TYR A 24 7.81 -3.82 -1.69
C TYR A 24 6.62 -3.88 -2.63
N SER A 25 5.85 -4.96 -2.54
CA SER A 25 4.67 -5.09 -3.39
C SER A 25 3.70 -3.96 -3.08
N TYR A 26 3.06 -3.44 -4.13
CA TYR A 26 2.08 -2.38 -3.95
C TYR A 26 1.04 -2.77 -2.91
N LEU A 27 0.67 -4.05 -2.88
CA LEU A 27 -0.32 -4.52 -1.90
C LEU A 27 0.13 -4.23 -0.47
N ALA A 28 1.39 -4.53 -0.16
CA ALA A 28 1.91 -4.25 1.18
C ALA A 28 2.04 -2.76 1.41
N MET A 29 2.34 -2.00 0.36
CA MET A 29 2.47 -0.56 0.50
C MET A 29 1.13 0.09 0.84
N ILE A 30 0.07 -0.32 0.15
CA ILE A 30 -1.27 0.21 0.44
C ILE A 30 -1.76 -0.28 1.79
N ALA A 31 -1.56 -1.57 2.08
CA ALA A 31 -2.00 -2.13 3.36
C ALA A 31 -1.37 -1.40 4.54
N LEU A 32 -0.13 -0.93 4.38
CA LEU A 32 0.54 -0.23 5.47
C LEU A 32 -0.12 1.10 5.76
N VAL A 33 -0.33 1.92 4.72
CA VAL A 33 -0.84 3.27 4.96
C VAL A 33 -2.29 3.24 5.40
N ILE A 34 -3.03 2.19 5.05
CA ILE A 34 -4.42 2.10 5.48
C ILE A 34 -4.50 1.79 6.97
N GLN A 35 -3.68 0.84 7.45
CA GLN A 35 -3.65 0.54 8.87
C GLN A 35 -3.08 1.70 9.68
N ASN A 36 -2.08 2.40 9.14
CA ASN A 36 -1.45 3.52 9.83
C ASN A 36 -2.34 4.76 9.87
N SER A 37 -3.56 4.70 9.32
CA SER A 37 -4.44 5.85 9.17
C SER A 37 -5.36 5.97 10.37
N PRO A 38 -5.99 7.15 10.57
CA PRO A 38 -6.79 7.36 11.78
C PRO A 38 -7.89 6.34 11.99
N GLU A 39 -8.79 6.16 11.02
CA GLU A 39 -9.92 5.25 11.18
C GLU A 39 -9.74 3.96 10.37
N LYS A 40 -8.51 3.64 9.96
CA LYS A 40 -8.22 2.46 9.14
C LYS A 40 -9.04 2.46 7.85
N ARG A 41 -9.35 3.65 7.35
CA ARG A 41 -9.99 3.86 6.06
C ARG A 41 -9.27 5.02 5.37
N LEU A 42 -9.11 4.93 4.05
CA LEU A 42 -8.43 5.97 3.29
C LEU A 42 -9.00 6.07 1.88
N LYS A 43 -9.14 7.30 1.40
CA LYS A 43 -9.52 7.60 0.03
C LYS A 43 -8.35 7.34 -0.91
N LEU A 44 -8.65 7.22 -2.22
CA LEU A 44 -7.60 6.95 -3.19
C LEU A 44 -6.51 8.01 -3.13
N SER A 45 -6.90 9.29 -3.21
CA SER A 45 -5.92 10.38 -3.18
C SER A 45 -5.10 10.34 -1.88
N GLN A 46 -5.78 10.12 -0.75
CA GLN A 46 -5.06 10.05 0.53
C GLN A 46 -4.11 8.86 0.56
N ILE A 47 -4.49 7.75 -0.08
CA ILE A 47 -3.57 6.63 -0.22
C ILE A 47 -2.37 7.03 -1.07
N LEU A 48 -2.61 7.79 -2.13
CA LEU A 48 -1.54 8.16 -3.05
C LEU A 48 -0.47 9.00 -2.35
N LYS A 49 -0.90 10.04 -1.63
CA LYS A 49 0.08 10.91 -1.01
C LYS A 49 0.72 10.29 0.23
N GLU A 50 0.00 9.46 0.97
CA GLU A 50 0.61 8.83 2.14
C GLU A 50 1.59 7.73 1.74
N VAL A 51 1.34 7.04 0.62
CA VAL A 51 2.29 6.06 0.12
C VAL A 51 3.54 6.75 -0.39
N SER A 52 3.38 7.91 -1.05
CA SER A 52 4.51 8.59 -1.66
C SER A 52 5.48 9.12 -0.60
N THR A 53 4.95 9.63 0.52
CA THR A 53 5.82 10.18 1.55
C THR A 53 6.41 9.09 2.45
N LEU A 54 5.71 7.97 2.62
CA LEU A 54 6.26 6.87 3.42
C LEU A 54 7.41 6.18 2.70
N PHE A 55 7.24 5.94 1.41
CA PHE A 55 8.28 5.37 0.58
C PHE A 55 8.71 6.45 -0.43
N PRO A 56 9.61 7.36 -0.03
CA PRO A 56 9.90 8.56 -0.83
C PRO A 56 10.81 8.28 -2.02
N PHE A 57 10.30 7.49 -2.96
CA PHE A 57 11.04 7.15 -4.17
C PHE A 57 10.20 7.38 -5.41
N PHE A 58 9.18 8.26 -5.33
CA PHE A 58 8.32 8.60 -6.45
C PHE A 58 8.31 10.10 -6.74
N ASN A 59 9.20 10.87 -6.13
CA ASN A 59 9.21 12.32 -6.34
C ASN A 59 10.00 12.73 -7.58
N GLY A 60 9.97 11.92 -8.64
CA GLY A 60 10.65 12.26 -9.87
C GLY A 60 9.70 12.56 -11.02
N ASP A 61 10.07 12.11 -12.22
CA ASP A 61 9.30 12.45 -13.41
C ASP A 61 8.12 11.51 -13.64
N TYR A 62 8.30 10.22 -13.34
CA TYR A 62 7.31 9.21 -13.68
C TYR A 62 6.01 9.46 -12.93
N MET A 63 4.90 9.02 -13.54
CA MET A 63 3.57 9.20 -12.98
C MET A 63 2.70 7.95 -13.07
N GLY A 64 3.09 6.92 -13.80
CA GLY A 64 2.27 5.73 -13.96
C GLY A 64 2.14 4.89 -12.71
N TRP A 65 2.97 5.13 -11.69
CA TRP A 65 2.83 4.40 -10.43
C TRP A 65 1.51 4.72 -9.75
N LYS A 66 0.96 5.91 -10.00
CA LYS A 66 -0.34 6.27 -9.44
C LYS A 66 -1.45 5.36 -9.98
N ASP A 67 -1.37 5.00 -11.26
CA ASP A 67 -2.31 4.04 -11.84
C ASP A 67 -2.14 2.68 -11.17
N SER A 68 -0.90 2.22 -11.01
CA SER A 68 -0.65 0.89 -10.47
C SER A 68 -1.31 0.72 -9.10
N ILE A 69 -1.28 1.77 -8.28
CA ILE A 69 -1.92 1.69 -6.98
C ILE A 69 -3.44 1.62 -7.13
N ARG A 70 -4.01 2.53 -7.92
CA ARG A 70 -5.45 2.49 -8.17
C ARG A 70 -5.87 1.14 -8.73
N HIS A 71 -5.02 0.54 -9.58
CA HIS A 71 -5.33 -0.77 -10.14
C HIS A 71 -5.20 -1.87 -9.09
N ASN A 72 -4.27 -1.71 -8.16
CA ASN A 72 -4.06 -2.73 -7.14
C ASN A 72 -5.21 -2.80 -6.15
N LEU A 73 -5.86 -1.66 -5.90
CA LEU A 73 -6.97 -1.66 -4.93
C LEU A 73 -8.14 -2.51 -5.43
N SER A 74 -8.47 -2.38 -6.71
CA SER A 74 -9.61 -3.11 -7.26
C SER A 74 -9.27 -4.59 -7.49
N SER A 75 -8.05 -4.86 -7.97
CA SER A 75 -7.61 -6.20 -8.36
C SER A 75 -7.07 -7.02 -7.19
N SER A 76 -7.50 -6.75 -5.96
CA SER A 76 -7.08 -7.52 -4.81
C SER A 76 -8.27 -7.70 -3.86
N ASP A 77 -8.50 -8.93 -3.40
CA ASP A 77 -9.59 -9.19 -2.48
C ASP A 77 -9.30 -8.75 -1.06
N CYS A 78 -8.08 -8.28 -0.78
CA CYS A 78 -7.78 -7.74 0.55
C CYS A 78 -8.49 -6.41 0.76
N PHE A 79 -8.61 -5.60 -0.29
CA PHE A 79 -9.17 -4.27 -0.20
C PHE A 79 -10.67 -4.30 -0.49
N LYS A 80 -11.45 -3.64 0.38
CA LYS A 80 -12.88 -3.51 0.21
C LYS A 80 -13.26 -2.04 0.35
N LYS A 81 -14.39 -1.67 -0.23
CA LYS A 81 -14.88 -0.30 -0.18
C LYS A 81 -15.80 -0.08 1.02
N ILE A 82 -16.03 1.20 1.32
CA ILE A 82 -16.94 1.62 2.37
C ILE A 82 -18.15 2.27 1.71
N LEU A 83 -19.34 1.75 2.04
CA LEU A 83 -20.58 2.26 1.45
C LEU A 83 -20.96 3.58 2.12
N LYS A 84 -20.88 4.67 1.38
CA LYS A 84 -21.28 5.97 1.92
C LYS A 84 -22.78 6.02 2.12
N ASP A 85 -23.55 5.86 1.04
CA ASP A 85 -25.00 5.96 1.08
C ASP A 85 -25.56 4.68 0.48
N PRO A 86 -26.39 3.92 1.21
CA PRO A 86 -27.05 2.75 0.59
C PRO A 86 -27.97 3.11 -0.57
N GLY A 87 -28.37 4.38 -0.69
CA GLY A 87 -29.17 4.78 -1.83
C GLY A 87 -28.36 5.07 -3.07
N LYS A 88 -27.08 5.44 -2.91
CA LYS A 88 -26.16 5.64 -4.03
C LYS A 88 -24.94 4.73 -3.90
N PRO A 89 -25.11 3.41 -4.12
CA PRO A 89 -23.94 2.51 -4.15
C PRO A 89 -23.03 2.69 -5.36
N GLN A 90 -23.43 3.50 -6.35
CA GLN A 90 -22.62 3.79 -7.53
C GLN A 90 -21.67 4.96 -7.31
N ALA A 91 -21.57 5.46 -6.09
CA ALA A 91 -20.76 6.62 -5.77
C ALA A 91 -19.27 6.26 -5.78
N LYS A 92 -18.45 7.27 -6.02
CA LYS A 92 -17.00 7.16 -6.03
C LYS A 92 -16.44 8.00 -4.88
N GLY A 93 -15.12 7.95 -4.73
CA GLY A 93 -14.48 8.60 -3.60
C GLY A 93 -14.64 7.88 -2.28
N ASN A 94 -15.07 6.61 -2.30
CA ASN A 94 -15.24 5.87 -1.05
C ASN A 94 -13.89 5.57 -0.42
N PHE A 95 -13.89 5.36 0.89
CA PHE A 95 -12.67 4.98 1.59
C PHE A 95 -12.47 3.48 1.51
N TRP A 96 -11.21 3.06 1.34
CA TRP A 96 -10.86 1.66 1.25
C TRP A 96 -10.40 1.14 2.60
N THR A 97 -10.66 -0.14 2.85
CA THR A 97 -10.26 -0.82 4.08
C THR A 97 -9.60 -2.13 3.72
N VAL A 98 -8.38 -2.34 4.22
CA VAL A 98 -7.73 -3.63 4.07
C VAL A 98 -8.27 -4.58 5.12
N ASP A 99 -8.21 -5.88 4.81
CA ASP A 99 -8.68 -6.94 5.70
C ASP A 99 -7.49 -7.86 5.93
N VAL A 100 -6.58 -7.42 6.82
CA VAL A 100 -5.23 -7.95 7.02
C VAL A 100 -5.15 -9.47 6.98
N SER A 101 -6.15 -10.15 7.56
CA SER A 101 -6.09 -11.60 7.68
C SER A 101 -5.91 -12.28 6.32
N ARG A 102 -6.33 -11.62 5.24
CA ARG A 102 -6.31 -12.21 3.91
C ARG A 102 -5.06 -11.88 3.10
N ILE A 103 -4.13 -11.11 3.67
CA ILE A 103 -2.91 -10.75 2.95
C ILE A 103 -1.95 -11.93 2.97
N PRO A 104 -1.55 -12.47 1.80
CA PRO A 104 -0.57 -13.56 1.80
C PRO A 104 0.74 -13.09 2.42
N LEU A 105 1.31 -13.94 3.27
CA LEU A 105 2.47 -13.53 4.06
C LEU A 105 3.70 -13.29 3.19
N ASP A 106 3.75 -13.92 2.01
CA ASP A 106 4.88 -13.71 1.10
C ASP A 106 4.74 -12.46 0.26
N ALA A 107 3.61 -11.76 0.34
CA ALA A 107 3.43 -10.50 -0.38
C ALA A 107 3.96 -9.30 0.39
N MET A 108 4.31 -9.48 1.66
CA MET A 108 4.84 -8.39 2.47
C MET A 108 6.36 -8.42 2.58
N LYS A 109 6.98 -9.54 2.26
CA LYS A 109 8.43 -9.64 2.30
C LYS A 109 9.07 -8.73 1.25
N LEU A 110 10.33 -8.40 1.51
CA LEU A 110 11.10 -7.51 0.64
C LEU A 110 11.33 -8.15 -0.73
N GLN A 111 11.09 -7.39 -1.79
CA GLN A 111 11.14 -7.95 -3.15
C GLN A 111 12.57 -8.22 -3.59
N ASN A 112 12.82 -9.44 -4.06
CA ASN A 112 14.13 -9.83 -4.59
C ASN A 112 14.33 -9.17 -5.94
N THR A 113 15.13 -8.10 -5.98
CA THR A 113 15.53 -7.46 -7.21
C THR A 113 17.05 -7.27 -7.21
N ALA A 114 17.58 -6.82 -8.35
CA ALA A 114 19.00 -6.55 -8.44
C ALA A 114 19.40 -5.35 -7.58
N LEU A 115 18.44 -4.48 -7.22
CA LEU A 115 18.74 -3.38 -6.31
C LEU A 115 19.05 -3.86 -4.91
N THR A 116 18.42 -4.96 -4.48
CA THR A 116 18.67 -5.54 -3.17
C THR A 116 19.59 -6.75 -3.25
N ARG A 117 20.59 -6.72 -4.14
CA ARG A 117 21.59 -7.78 -4.11
C ARG A 117 22.51 -7.65 -2.92
N GLY A 118 22.76 -6.42 -2.48
CA GLY A 118 23.64 -6.14 -1.36
C GLY A 118 23.39 -4.73 -0.89
N GLY A 119 23.82 -4.45 0.33
CA GLY A 119 23.39 -3.21 0.95
C GLY A 119 21.93 -3.20 1.34
N SER A 120 21.34 -4.39 1.56
CA SER A 120 19.93 -4.52 1.92
C SER A 120 19.60 -3.90 3.27
N ASP A 121 20.61 -3.54 4.06
CA ASP A 121 20.42 -2.93 5.38
C ASP A 121 19.62 -1.62 5.29
N TYR A 122 19.50 -1.09 4.07
CA TYR A 122 18.68 0.09 3.84
C TYR A 122 17.20 -0.20 4.14
N PHE A 123 16.68 -1.32 3.63
CA PHE A 123 15.26 -1.63 3.71
C PHE A 123 14.99 -2.81 4.64
N VAL A 124 13.82 -2.77 5.28
CA VAL A 124 13.42 -3.83 6.20
C VAL A 124 13.12 -5.11 5.41
N GLN A 125 13.23 -6.25 6.10
CA GLN A 125 13.04 -7.54 5.44
C GLN A 125 11.58 -7.91 5.27
N ASP A 126 10.71 -7.48 6.18
CA ASP A 126 9.31 -7.89 6.14
C ASP A 126 8.48 -6.81 6.81
N LEU A 127 7.33 -6.51 6.21
CA LEU A 127 6.41 -5.50 6.72
C LEU A 127 5.28 -6.07 7.55
N ALA A 128 5.26 -7.39 7.78
CA ALA A 128 4.21 -7.97 8.62
C ALA A 128 4.17 -7.38 10.03
N PRO A 129 5.29 -7.17 10.73
CA PRO A 129 5.18 -6.51 12.04
C PRO A 129 4.47 -5.17 11.97
N TYR A 130 4.78 -4.36 10.96
CA TYR A 130 4.19 -3.03 10.90
C TYR A 130 2.74 -3.06 10.41
N ILE A 131 2.37 -4.10 9.67
CA ILE A 131 1.01 -4.19 9.12
C ILE A 131 0.06 -4.86 10.10
N LEU A 132 0.45 -5.99 10.68
CA LEU A 132 -0.46 -6.78 11.50
C LEU A 132 0.14 -7.15 12.85
N HIS A 133 1.03 -6.31 13.40
CA HIS A 133 1.59 -6.60 14.70
C HIS A 133 1.91 -5.36 15.53
N ASN A 134 1.49 -4.16 15.12
CA ASN A 134 1.49 -2.98 15.98
C ASN A 134 2.90 -2.46 16.27
N TYR A 135 3.80 -2.55 15.29
CA TYR A 135 5.15 -2.00 15.42
C TYR A 135 5.28 -0.73 14.59
N LYS A 136 6.31 0.07 14.89
CA LYS A 136 6.48 1.35 14.23
C LYS A 136 7.52 1.26 13.12
N TYR A 137 7.16 1.76 11.95
CA TYR A 137 8.03 1.80 10.78
C TYR A 137 8.78 3.13 10.77
N GLU A 138 10.09 3.06 10.54
CA GLU A 138 11.00 4.19 10.69
C GLU A 138 10.74 5.37 9.74
#